data_9ATD
#
_entry.id   9ATD
#
_cell.length_a   101.524
_cell.length_b   57.657
_cell.length_c   49.770
_cell.angle_alpha   90.00
_cell.angle_beta   112.04
_cell.angle_gamma   90.00
#
_symmetry.space_group_name_H-M   'C 1 2 1'
#
loop_
_entity.id
_entity.type
_entity.pdbx_description
1 polymer '3C-like proteinase nsp5'
2 non-polymer '(1S,2S)-2-{[N-({[(2S)-1-(2-cyclohexylethyl)-5-oxopyrrolidin-2-yl]methoxy}carbonyl)-L-leucyl]amino}-1-hydroxy-3-[(3S)-2-oxopyrrolidin-3-yl]propane-1-sulfonic acid'
3 non-polymer '(1R,2S)-2-{[N-({[(2S)-1-(2-cyclohexylethyl)-5-oxopyrrolidin-2-yl]methoxy}carbonyl)-L-leucyl]amino}-1-hydroxy-3-[(3S)-2-oxopyrrolidin-3-yl]propane-1-sulfonic acid'
4 water water
#
_entity_poly.entity_id   1
_entity_poly.type   'polypeptide(L)'
_entity_poly.pdbx_seq_one_letter_code
;MHHHHHHSGLVKMSHPSGDVEACMVQVTCGSMTLNGLWLDNTVWCPRHVMCPADQLSDPNYDALLISMTNHSFSVQKHIG
APANLRVVGHAMQGTLLKLTVDVANPSTPAYTFTTVKPGAAFSVLACYNGRPTGTFTVVMRPNYTIKGSFLCGSCGSVGY
TKEGSVINFCYMHQMELANGTHTGSAFDGTMYGAFMDKQVHQVQLTDKYCSVNVVAWLYAAILNGCAWFVKPNRTSVVSF
NEWALANQFTEFVGTQSVDMLAVKTGVAIEQLLYAIQQLYTGFQGKQILGSTMLEDEFTPEDVNMQIMGVVMQ
;
_entity_poly.pdbx_strand_id   A
#
loop_
_chem_comp.id
_chem_comp.type
_chem_comp.name
_chem_comp.formula
A1AGK non-polymer '(1R,2S)-2-{[N-({[(2S)-1-(2-cyclohexylethyl)-5-oxopyrrolidin-2-yl]methoxy}carbonyl)-L-leucyl]amino}-1-hydroxy-3-[(3S)-2-oxopyrrolidin-3-yl]propane-1-sulfonic acid' 'C27 H46 N4 O9 S'
A1AGL non-polymer '(1S,2S)-2-{[N-({[(2S)-1-(2-cyclohexylethyl)-5-oxopyrrolidin-2-yl]methoxy}carbonyl)-L-leucyl]amino}-1-hydroxy-3-[(3S)-2-oxopyrrolidin-3-yl]propane-1-sulfonic acid' 'C27 H46 N4 O9 S'
#
# COMPACT_ATOMS: atom_id res chain seq x y z
N HIS A 6 3.09 29.28 3.93
CA HIS A 6 4.28 28.69 3.34
C HIS A 6 4.06 27.23 3.00
N HIS A 7 4.27 26.87 1.73
CA HIS A 7 4.11 25.48 1.30
C HIS A 7 5.27 24.63 1.81
N SER A 8 4.92 23.44 2.34
CA SER A 8 5.92 22.56 2.94
C SER A 8 6.84 21.91 1.92
N GLY A 9 6.49 21.95 0.64
CA GLY A 9 7.22 21.18 -0.35
C GLY A 9 6.91 19.70 -0.35
N LEU A 10 5.88 19.28 0.38
CA LEU A 10 5.49 17.88 0.45
C LEU A 10 4.24 17.65 -0.40
N VAL A 11 4.31 16.65 -1.28
CA VAL A 11 3.15 16.19 -2.03
C VAL A 11 3.08 14.68 -1.91
N LYS A 12 1.92 14.12 -2.27
CA LYS A 12 1.78 12.67 -2.37
C LYS A 12 2.46 12.26 -3.67
N MET A 13 3.65 11.69 -3.56
CA MET A 13 4.51 11.41 -4.71
C MET A 13 4.54 9.93 -5.00
N SER A 14 4.21 9.57 -6.23
CA SER A 14 4.21 8.19 -6.70
C SER A 14 5.42 7.96 -7.59
N HIS A 15 5.82 6.69 -7.73
CA HIS A 15 6.87 6.39 -8.68
C HIS A 15 6.34 6.58 -10.10
N PRO A 16 7.20 6.93 -11.05
CA PRO A 16 6.77 6.91 -12.45
C PRO A 16 6.27 5.50 -12.77
N SER A 17 5.10 5.41 -13.42
CA SER A 17 4.38 4.15 -13.53
C SER A 17 4.65 3.40 -14.82
N GLY A 18 5.49 3.93 -15.72
CA GLY A 18 5.62 3.34 -17.04
C GLY A 18 6.09 1.89 -17.01
N ASP A 19 7.08 1.60 -16.17
CA ASP A 19 7.63 0.24 -16.09
C ASP A 19 6.55 -0.78 -15.75
N VAL A 20 5.61 -0.40 -14.88
CA VAL A 20 4.55 -1.32 -14.45
C VAL A 20 3.38 -1.34 -15.43
N GLU A 21 3.10 -0.21 -16.11
CA GLU A 21 2.07 -0.20 -17.15
C GLU A 21 2.33 -1.28 -18.19
N ALA A 22 3.59 -1.50 -18.53
CA ALA A 22 3.96 -2.47 -19.56
C ALA A 22 3.73 -3.91 -19.12
N CYS A 23 3.38 -4.14 -17.86
CA CYS A 23 3.15 -5.48 -17.34
C CYS A 23 1.68 -5.78 -17.10
N MET A 24 0.78 -4.86 -17.40
CA MET A 24 -0.60 -4.99 -16.95
C MET A 24 -1.37 -5.69 -18.07
N VAL A 25 -2.24 -6.65 -17.70
CA VAL A 25 -3.04 -7.37 -18.68
C VAL A 25 -4.48 -7.49 -18.16
N GLN A 26 -5.37 -7.90 -19.05
CA GLN A 26 -6.73 -8.27 -18.69
C GLN A 26 -6.83 -9.79 -18.60
N VAL A 27 -7.40 -10.29 -17.51
CA VAL A 27 -7.68 -11.72 -17.35
C VAL A 27 -9.19 -11.92 -17.32
N THR A 28 -9.68 -12.87 -18.12
CA THR A 28 -11.09 -13.21 -18.18
C THR A 28 -11.27 -14.69 -17.88
N CYS A 29 -12.27 -15.00 -17.08
CA CYS A 29 -12.63 -16.39 -16.78
C CYS A 29 -14.16 -16.45 -16.77
N GLY A 30 -14.73 -16.97 -17.85
CA GLY A 30 -16.18 -17.02 -17.96
C GLY A 30 -16.77 -15.63 -18.01
N SER A 31 -17.71 -15.36 -17.09
CA SER A 31 -18.38 -14.07 -17.02
C SER A 31 -17.62 -13.06 -16.16
N MET A 32 -16.43 -13.40 -15.69
CA MET A 32 -15.67 -12.55 -14.79
C MET A 32 -14.39 -12.05 -15.48
N THR A 33 -14.05 -10.79 -15.23
CA THR A 33 -12.86 -10.19 -15.81
C THR A 33 -12.24 -9.24 -14.80
N LEU A 34 -10.90 -9.18 -14.79
CA LEU A 34 -10.18 -8.25 -13.93
C LEU A 34 -8.77 -8.07 -14.49
N ASN A 35 -7.89 -7.46 -13.70
CA ASN A 35 -6.53 -7.19 -14.14
C ASN A 35 -5.56 -8.25 -13.64
N GLY A 36 -4.51 -8.48 -14.44
CA GLY A 36 -3.41 -9.33 -14.03
C GLY A 36 -2.08 -8.63 -14.25
N LEU A 37 -1.03 -9.21 -13.67
CA LEU A 37 0.34 -8.69 -13.77
C LEU A 37 1.18 -9.72 -14.49
N TRP A 38 1.74 -9.35 -15.64
CA TRP A 38 2.43 -10.28 -16.53
C TRP A 38 3.93 -10.06 -16.40
N LEU A 39 4.62 -11.04 -15.81
CA LEU A 39 6.05 -10.96 -15.57
C LEU A 39 6.68 -12.28 -16.04
N ASP A 40 7.69 -12.19 -16.89
CA ASP A 40 8.31 -13.39 -17.47
C ASP A 40 7.19 -14.21 -18.11
N ASN A 41 7.06 -15.50 -17.82
CA ASN A 41 6.00 -16.34 -18.38
C ASN A 41 4.83 -16.53 -17.43
N THR A 42 4.68 -15.65 -16.44
CA THR A 42 3.68 -15.82 -15.40
C THR A 42 2.73 -14.63 -15.37
N VAL A 43 1.43 -14.91 -15.18
CA VAL A 43 0.44 -13.86 -14.98
C VAL A 43 -0.24 -14.09 -13.64
N TRP A 44 -0.14 -13.10 -12.75
CA TRP A 44 -0.73 -13.13 -11.41
C TRP A 44 -2.07 -12.41 -11.45
N CYS A 45 -3.08 -12.95 -10.78
CA CYS A 45 -4.35 -12.24 -10.70
C CYS A 45 -5.13 -12.78 -9.50
N PRO A 46 -6.11 -12.01 -9.00
CA PRO A 46 -6.91 -12.52 -7.88
C PRO A 46 -7.66 -13.78 -8.26
N ARG A 47 -7.79 -14.69 -7.30
CA ARG A 47 -8.41 -15.97 -7.60
C ARG A 47 -9.93 -15.86 -7.75
N HIS A 48 -10.55 -14.80 -7.22
CA HIS A 48 -12.01 -14.73 -7.37
C HIS A 48 -12.44 -14.40 -8.79
N VAL A 49 -11.50 -14.27 -9.73
CA VAL A 49 -11.87 -14.26 -11.13
C VAL A 49 -12.53 -15.57 -11.53
N MET A 50 -12.28 -16.66 -10.77
CA MET A 50 -12.93 -17.94 -11.04
C MET A 50 -14.34 -18.01 -10.47
N CYS A 51 -14.76 -17.04 -9.67
CA CYS A 51 -16.04 -17.15 -8.98
CA CYS A 51 -16.04 -17.12 -8.97
C CYS A 51 -17.16 -16.55 -9.82
N PRO A 52 -18.25 -17.29 -10.05
CA PRO A 52 -19.46 -16.67 -10.60
C PRO A 52 -20.10 -15.78 -9.55
N ALA A 53 -20.91 -14.83 -10.03
CA ALA A 53 -21.45 -13.79 -9.15
C ALA A 53 -22.35 -14.33 -8.06
N ASP A 54 -22.88 -15.54 -8.21
CA ASP A 54 -23.79 -16.11 -7.23
C ASP A 54 -23.08 -16.81 -6.07
N GLN A 55 -21.74 -16.90 -6.09
CA GLN A 55 -20.99 -17.58 -5.05
C GLN A 55 -19.92 -16.71 -4.42
N LEU A 56 -19.96 -15.39 -4.61
CA LEU A 56 -18.93 -14.51 -4.07
C LEU A 56 -18.93 -14.47 -2.55
N SER A 57 -20.03 -14.89 -1.90
CA SER A 57 -20.09 -14.83 -0.44
CA SER A 57 -20.09 -14.83 -0.44
C SER A 57 -19.48 -16.06 0.20
N ASP A 58 -19.67 -17.23 -0.40
CA ASP A 58 -19.15 -18.50 0.14
C ASP A 58 -18.48 -19.30 -0.97
N PRO A 59 -17.33 -18.82 -1.47
CA PRO A 59 -16.68 -19.53 -2.57
C PRO A 59 -15.90 -20.74 -2.08
N ASN A 60 -15.91 -21.79 -2.88
CA ASN A 60 -15.02 -22.94 -2.69
C ASN A 60 -13.96 -22.86 -3.79
N TYR A 61 -12.86 -22.15 -3.48
CA TYR A 61 -11.82 -21.95 -4.49
C TYR A 61 -11.14 -23.24 -4.89
N ASP A 62 -11.01 -24.19 -3.96
CA ASP A 62 -10.39 -25.47 -4.29
C ASP A 62 -11.18 -26.19 -5.37
N ALA A 63 -12.51 -26.29 -5.19
CA ALA A 63 -13.35 -26.93 -6.21
C ALA A 63 -13.38 -26.11 -7.49
N LEU A 64 -13.40 -24.78 -7.36
CA LEU A 64 -13.39 -23.94 -8.55
C LEU A 64 -12.14 -24.17 -9.37
N LEU A 65 -10.98 -24.25 -8.71
CA LEU A 65 -9.73 -24.45 -9.45
C LEU A 65 -9.72 -25.77 -10.19
N ILE A 66 -10.22 -26.83 -9.55
CA ILE A 66 -10.26 -28.14 -10.20
C ILE A 66 -11.17 -28.11 -11.42
N SER A 67 -12.23 -27.29 -11.37
CA SER A 67 -13.16 -27.21 -12.50
C SER A 67 -12.57 -26.46 -13.69
N MET A 68 -11.44 -25.79 -13.52
CA MET A 68 -10.82 -25.03 -14.60
C MET A 68 -9.85 -25.89 -15.41
N THR A 69 -9.70 -25.53 -16.67
CA THR A 69 -8.61 -25.96 -17.53
C THR A 69 -7.80 -24.73 -17.95
N ASN A 70 -6.72 -24.95 -18.71
CA ASN A 70 -5.96 -23.80 -19.20
C ASN A 70 -6.78 -22.95 -20.14
N HIS A 71 -7.71 -23.55 -20.88
CA HIS A 71 -8.54 -22.81 -21.81
C HIS A 71 -9.70 -22.10 -21.13
N SER A 72 -9.87 -22.27 -19.82
CA SER A 72 -10.84 -21.48 -19.06
C SER A 72 -10.42 -20.02 -18.91
N PHE A 73 -9.16 -19.69 -19.17
CA PHE A 73 -8.64 -18.37 -18.94
C PHE A 73 -8.27 -17.68 -20.26
N SER A 74 -8.53 -16.39 -20.32
CA SER A 74 -8.08 -15.54 -21.42
C SER A 74 -7.23 -14.43 -20.83
N VAL A 75 -6.06 -14.21 -21.41
CA VAL A 75 -5.18 -13.12 -21.01
C VAL A 75 -4.94 -12.24 -22.23
N GLN A 76 -5.23 -10.95 -22.07
CA GLN A 76 -5.08 -9.98 -23.17
C GLN A 76 -4.28 -8.78 -22.68
N LYS A 77 -3.34 -8.33 -23.51
CA LYS A 77 -2.66 -7.07 -23.29
C LYS A 77 -3.24 -6.05 -24.26
N HIS A 78 -3.63 -4.88 -23.74
CA HIS A 78 -4.37 -3.90 -24.52
C HIS A 78 -3.56 -2.68 -24.92
N ILE A 79 -2.40 -2.45 -24.31
CA ILE A 79 -1.63 -1.24 -24.60
C ILE A 79 -0.17 -1.59 -24.88
N ALA A 83 -2.09 -7.95 -27.82
CA ALA A 83 -1.62 -9.32 -27.87
C ALA A 83 -2.46 -10.21 -26.95
N ASN A 84 -2.81 -11.39 -27.45
CA ASN A 84 -3.55 -12.38 -26.66
C ASN A 84 -2.59 -13.50 -26.30
N LEU A 85 -2.49 -13.81 -25.01
CA LEU A 85 -1.53 -14.78 -24.51
C LEU A 85 -2.21 -16.12 -24.27
N ARG A 86 -1.62 -17.18 -24.82
CA ARG A 86 -2.12 -18.52 -24.59
C ARG A 86 -1.70 -19.01 -23.21
N VAL A 87 -2.66 -19.46 -22.42
CA VAL A 87 -2.40 -19.98 -21.09
C VAL A 87 -2.04 -21.46 -21.21
N VAL A 88 -0.88 -21.83 -20.64
CA VAL A 88 -0.38 -23.19 -20.72
C VAL A 88 -0.23 -23.84 -19.37
N GLY A 89 -0.58 -23.14 -18.29
CA GLY A 89 -0.56 -23.72 -16.96
C GLY A 89 -1.33 -22.84 -16.02
N HIS A 90 -1.91 -23.45 -14.98
CA HIS A 90 -2.62 -22.67 -13.98
C HIS A 90 -2.40 -23.30 -12.61
N ALA A 91 -2.28 -22.43 -11.61
CA ALA A 91 -2.07 -22.85 -10.24
C ALA A 91 -2.64 -21.77 -9.32
N MET A 92 -2.89 -22.16 -8.07
CA MET A 92 -3.39 -21.24 -7.06
C MET A 92 -2.38 -21.15 -5.93
N GLN A 93 -2.05 -19.93 -5.52
CA GLN A 93 -1.20 -19.71 -4.34
C GLN A 93 -1.92 -18.72 -3.43
N GLY A 94 -2.49 -19.25 -2.35
CA GLY A 94 -3.27 -18.40 -1.45
C GLY A 94 -4.44 -17.80 -2.21
N THR A 95 -4.52 -16.47 -2.18
CA THR A 95 -5.62 -15.74 -2.78
C THR A 95 -5.32 -15.28 -4.20
N LEU A 96 -4.23 -15.76 -4.79
CA LEU A 96 -3.85 -15.41 -6.15
C LEU A 96 -3.82 -16.64 -7.03
N LEU A 97 -4.05 -16.42 -8.32
CA LEU A 97 -3.81 -17.41 -9.36
C LEU A 97 -2.48 -17.09 -10.02
N LYS A 98 -1.71 -18.13 -10.32
CA LYS A 98 -0.50 -18.00 -11.11
C LYS A 98 -0.77 -18.74 -12.42
N LEU A 99 -1.01 -17.97 -13.49
CA LEU A 99 -1.17 -18.55 -14.81
C LEU A 99 0.16 -18.53 -15.53
N THR A 100 0.47 -19.60 -16.25
CA THR A 100 1.67 -19.67 -17.07
C THR A 100 1.25 -19.46 -18.52
N VAL A 101 1.92 -18.53 -19.19
CA VAL A 101 1.61 -18.21 -20.58
C VAL A 101 2.83 -18.58 -21.43
N ASP A 102 2.60 -18.70 -22.73
CA ASP A 102 3.63 -19.17 -23.64
C ASP A 102 4.54 -18.07 -24.17
N VAL A 103 4.28 -16.81 -23.83
CA VAL A 103 5.12 -15.69 -24.22
C VAL A 103 5.65 -15.02 -22.96
N ALA A 104 6.97 -14.87 -22.87
CA ALA A 104 7.57 -14.08 -21.81
C ALA A 104 7.38 -12.60 -22.10
N ASN A 105 7.02 -11.83 -21.07
CA ASN A 105 6.81 -10.41 -21.28
C ASN A 105 8.13 -9.75 -21.69
N PRO A 106 8.24 -9.24 -22.91
CA PRO A 106 9.49 -8.61 -23.34
C PRO A 106 9.82 -7.33 -22.59
N SER A 107 8.84 -6.75 -21.91
CA SER A 107 9.04 -5.54 -21.11
C SER A 107 9.11 -5.84 -19.63
N THR A 108 9.41 -7.09 -19.25
CA THR A 108 9.55 -7.43 -17.85
C THR A 108 10.67 -6.60 -17.23
N PRO A 109 10.40 -5.80 -16.21
CA PRO A 109 11.47 -5.06 -15.53
C PRO A 109 12.19 -5.95 -14.53
N ALA A 110 13.32 -5.45 -14.04
CA ALA A 110 13.94 -6.10 -12.89
C ALA A 110 13.00 -5.96 -11.70
N TYR A 111 12.73 -7.05 -11.01
CA TYR A 111 11.69 -6.98 -9.99
C TYR A 111 11.96 -7.98 -8.87
N THR A 112 11.33 -7.71 -7.72
CA THR A 112 11.20 -8.67 -6.63
C THR A 112 9.79 -8.57 -6.08
N PHE A 113 9.48 -9.47 -5.15
CA PHE A 113 8.24 -9.48 -4.40
C PHE A 113 8.56 -9.22 -2.94
N THR A 114 7.76 -8.37 -2.30
CA THR A 114 8.02 -8.02 -0.91
C THR A 114 6.69 -7.74 -0.24
N THR A 115 6.69 -7.82 1.09
CA THR A 115 5.52 -7.43 1.87
C THR A 115 5.76 -6.07 2.49
N VAL A 116 4.79 -5.19 2.36
CA VAL A 116 4.92 -3.84 2.90
C VAL A 116 4.39 -3.85 4.34
N LYS A 117 4.97 -3.00 5.18
CA LYS A 117 4.64 -2.97 6.60
C LYS A 117 3.85 -1.73 6.96
N PRO A 118 3.06 -1.78 8.04
CA PRO A 118 2.26 -0.61 8.42
C PRO A 118 3.12 0.63 8.56
N GLY A 119 2.62 1.75 8.06
CA GLY A 119 3.34 3.00 8.05
C GLY A 119 4.17 3.24 6.81
N ALA A 120 4.51 2.18 6.06
CA ALA A 120 5.30 2.33 4.85
C ALA A 120 4.41 2.69 3.67
N ALA A 121 4.96 3.50 2.75
CA ALA A 121 4.22 4.00 1.60
C ALA A 121 4.53 3.17 0.37
N PHE A 122 3.57 3.10 -0.55
CA PHE A 122 3.82 2.46 -1.83
C PHE A 122 2.92 3.08 -2.90
N SER A 123 3.32 2.88 -4.14
CA SER A 123 2.62 3.42 -5.30
C SER A 123 1.63 2.38 -5.84
N VAL A 124 0.46 2.84 -6.24
CA VAL A 124 -0.59 1.98 -6.80
C VAL A 124 -0.86 2.41 -8.23
N LEU A 125 -0.98 1.43 -9.11
CA LEU A 125 -1.43 1.66 -10.48
C LEU A 125 -2.83 1.08 -10.59
N ALA A 126 -3.84 1.96 -10.60
CA ALA A 126 -5.23 1.54 -10.72
C ALA A 126 -5.56 1.26 -12.18
N CYS A 127 -6.07 0.06 -12.44
CA CYS A 127 -6.35 -0.39 -13.79
C CYS A 127 -7.77 -0.93 -13.87
N TYR A 128 -8.34 -0.84 -15.07
CA TYR A 128 -9.66 -1.39 -15.35
C TYR A 128 -9.59 -2.07 -16.71
N ASN A 129 -10.02 -3.33 -16.77
CA ASN A 129 -10.04 -4.09 -18.02
C ASN A 129 -8.65 -4.18 -18.64
N GLY A 130 -7.62 -4.26 -17.78
CA GLY A 130 -6.25 -4.30 -18.26
C GLY A 130 -5.69 -2.98 -18.70
N ARG A 131 -6.40 -1.87 -18.51
CA ARG A 131 -5.95 -0.57 -18.96
C ARG A 131 -5.61 0.29 -17.75
N PRO A 132 -4.36 0.71 -17.57
CA PRO A 132 -4.04 1.62 -16.47
C PRO A 132 -4.80 2.94 -16.62
N THR A 133 -5.37 3.40 -15.52
CA THR A 133 -6.19 4.61 -15.54
C THR A 133 -5.72 5.69 -14.57
N GLY A 134 -4.98 5.34 -13.52
CA GLY A 134 -4.45 6.36 -12.62
C GLY A 134 -3.42 5.77 -11.70
N THR A 135 -2.65 6.67 -11.09
CA THR A 135 -1.66 6.25 -10.10
C THR A 135 -1.74 7.18 -8.90
N PHE A 136 -1.48 6.60 -7.73
CA PHE A 136 -1.54 7.32 -6.47
C PHE A 136 -0.67 6.55 -5.48
N THR A 137 -0.38 7.19 -4.34
CA THR A 137 0.43 6.56 -3.31
C THR A 137 -0.37 6.50 -2.02
N VAL A 138 -0.18 5.41 -1.27
CA VAL A 138 -0.89 5.15 -0.04
C VAL A 138 0.12 4.67 0.99
N VAL A 139 -0.27 4.73 2.25
CA VAL A 139 0.48 4.15 3.35
CA VAL A 139 0.49 4.13 3.33
C VAL A 139 -0.31 2.96 3.89
N MET A 140 0.35 1.82 4.05
CA MET A 140 -0.27 0.70 4.75
C MET A 140 -0.67 1.11 6.16
N ARG A 141 -1.97 1.09 6.45
CA ARG A 141 -2.43 1.44 7.78
C ARG A 141 -2.07 0.34 8.79
N PRO A 142 -2.01 0.69 10.07
CA PRO A 142 -1.75 -0.33 11.11
C PRO A 142 -2.79 -1.44 11.18
N ASN A 143 -3.99 -1.26 10.62
CA ASN A 143 -4.96 -2.35 10.55
C ASN A 143 -4.95 -3.06 9.20
N TYR A 144 -3.89 -2.84 8.41
CA TYR A 144 -3.67 -3.54 7.14
C TYR A 144 -4.78 -3.29 6.13
N THR A 145 -5.24 -2.05 6.09
CA THR A 145 -6.02 -1.52 4.99
C THR A 145 -5.26 -0.36 4.38
N ILE A 146 -5.68 0.06 3.20
CA ILE A 146 -5.18 1.29 2.60
C ILE A 146 -6.37 2.19 2.27
N LYS A 147 -6.13 3.50 2.33
CA LYS A 147 -7.13 4.48 1.98
C LYS A 147 -6.97 4.79 0.49
N GLY A 148 -7.56 3.93 -0.33
CA GLY A 148 -7.36 3.98 -1.76
C GLY A 148 -8.53 4.60 -2.51
N SER A 149 -8.54 4.38 -3.82
CA SER A 149 -9.59 4.84 -4.72
C SER A 149 -9.74 3.73 -5.75
N PHE A 150 -10.70 2.83 -5.50
CA PHE A 150 -10.89 1.63 -6.29
C PHE A 150 -12.37 1.46 -6.56
N LEU A 151 -12.72 1.16 -7.80
CA LEU A 151 -14.11 0.90 -8.18
C LEU A 151 -14.25 -0.54 -8.69
N CYS A 152 -15.47 -0.91 -9.05
CA CYS A 152 -15.70 -2.25 -9.60
CA CYS A 152 -15.71 -2.24 -9.61
C CYS A 152 -14.82 -2.45 -10.82
N GLY A 153 -14.18 -3.61 -10.88
CA GLY A 153 -13.25 -3.93 -11.96
C GLY A 153 -11.80 -3.59 -11.69
N SER A 154 -11.49 -3.00 -10.55
CA SER A 154 -10.11 -2.60 -10.25
C SER A 154 -9.28 -3.72 -9.68
N CYS A 155 -9.87 -4.88 -9.40
CA CYS A 155 -9.13 -5.93 -8.75
C CYS A 155 -8.00 -6.39 -9.66
N GLY A 156 -6.87 -6.74 -9.04
CA GLY A 156 -5.67 -7.02 -9.80
C GLY A 156 -4.79 -5.80 -10.05
N SER A 157 -5.27 -4.60 -9.73
CA SER A 157 -4.40 -3.43 -9.70
C SER A 157 -3.26 -3.70 -8.72
N VAL A 158 -2.08 -3.15 -9.01
CA VAL A 158 -0.87 -3.55 -8.30
C VAL A 158 -0.27 -2.36 -7.55
N GLY A 159 0.27 -2.65 -6.38
CA GLY A 159 1.05 -1.69 -5.62
C GLY A 159 2.51 -2.13 -5.59
N TYR A 160 3.41 -1.14 -5.52
CA TYR A 160 4.82 -1.45 -5.63
C TYR A 160 5.64 -0.29 -5.09
N THR A 161 6.88 -0.58 -4.73
CA THR A 161 7.92 0.41 -4.48
C THR A 161 9.05 0.16 -5.45
N LYS A 162 10.02 1.08 -5.49
CA LYS A 162 11.11 0.93 -6.44
C LYS A 162 12.43 1.24 -5.74
N GLU A 163 13.37 0.31 -5.83
CA GLU A 163 14.73 0.46 -5.31
C GLU A 163 15.68 0.45 -6.51
N GLY A 164 16.29 1.59 -6.81
CA GLY A 164 17.08 1.69 -8.02
C GLY A 164 16.18 1.50 -9.23
N SER A 165 16.58 0.60 -10.12
CA SER A 165 15.74 0.21 -11.25
C SER A 165 14.88 -1.01 -10.97
N VAL A 166 14.89 -1.52 -9.74
CA VAL A 166 14.20 -2.76 -9.38
C VAL A 166 12.84 -2.41 -8.79
N ILE A 167 11.78 -2.97 -9.36
CA ILE A 167 10.43 -2.78 -8.86
C ILE A 167 10.13 -3.84 -7.82
N ASN A 168 9.64 -3.41 -6.67
CA ASN A 168 9.33 -4.33 -5.57
C ASN A 168 7.80 -4.39 -5.47
N PHE A 169 7.21 -5.39 -6.11
CA PHE A 169 5.75 -5.54 -6.07
C PHE A 169 5.32 -6.02 -4.69
N CYS A 170 4.34 -5.34 -4.10
CA CYS A 170 3.94 -5.62 -2.73
C CYS A 170 2.43 -5.74 -2.52
N TYR A 171 1.60 -5.48 -3.52
CA TYR A 171 0.18 -5.43 -3.28
C TYR A 171 -0.55 -5.79 -4.56
N MET A 172 -1.60 -6.59 -4.45
CA MET A 172 -2.52 -6.74 -5.57
C MET A 172 -3.93 -6.62 -5.03
N HIS A 173 -4.70 -5.70 -5.60
CA HIS A 173 -5.96 -5.28 -5.02
C HIS A 173 -7.03 -6.36 -5.07
N GLN A 174 -7.77 -6.51 -3.95
CA GLN A 174 -8.78 -7.55 -3.81
C GLN A 174 -10.16 -7.04 -3.43
N MET A 175 -10.28 -6.04 -2.56
CA MET A 175 -11.62 -5.76 -2.06
C MET A 175 -11.68 -4.43 -1.34
N GLU A 176 -12.91 -3.96 -1.13
CA GLU A 176 -13.24 -2.78 -0.36
C GLU A 176 -13.92 -3.20 0.94
N LEU A 177 -13.53 -2.58 2.04
CA LEU A 177 -14.12 -2.87 3.33
C LEU A 177 -15.33 -1.98 3.58
N ALA A 178 -16.05 -2.26 4.68
CA ALA A 178 -17.30 -1.57 4.98
C ALA A 178 -17.10 -0.08 5.26
N ASN A 179 -15.91 0.32 5.70
CA ASN A 179 -15.62 1.71 6.00
C ASN A 179 -14.99 2.45 4.82
N GLY A 180 -15.03 1.88 3.62
CA GLY A 180 -14.52 2.54 2.44
C GLY A 180 -13.06 2.31 2.15
N THR A 181 -12.32 1.71 3.08
CA THR A 181 -10.92 1.42 2.84
C THR A 181 -10.77 0.12 2.05
N HIS A 182 -9.53 -0.23 1.76
CA HIS A 182 -9.25 -1.27 0.78
C HIS A 182 -8.17 -2.20 1.31
N THR A 183 -8.16 -3.43 0.80
CA THR A 183 -7.06 -4.33 1.10
C THR A 183 -6.89 -5.30 -0.06
N GLY A 184 -5.78 -6.03 -0.01
CA GLY A 184 -5.42 -6.93 -1.07
C GLY A 184 -4.39 -7.94 -0.60
N SER A 185 -3.73 -8.55 -1.58
CA SER A 185 -2.78 -9.63 -1.33
C SER A 185 -1.35 -9.23 -1.60
N ALA A 186 -0.45 -9.81 -0.81
CA ALA A 186 0.95 -9.86 -1.20
C ALA A 186 1.13 -10.96 -2.25
N PHE A 187 2.27 -10.95 -2.91
CA PHE A 187 2.41 -11.89 -4.03
C PHE A 187 2.81 -13.29 -3.57
N ASP A 188 2.94 -13.52 -2.27
CA ASP A 188 2.93 -14.88 -1.76
C ASP A 188 1.51 -15.41 -1.59
N GLY A 189 0.49 -14.61 -1.91
CA GLY A 189 -0.88 -15.03 -1.87
C GLY A 189 -1.59 -14.78 -0.55
N THR A 190 -0.88 -14.32 0.47
CA THR A 190 -1.52 -14.01 1.74
C THR A 190 -2.23 -12.67 1.62
N MET A 191 -3.43 -12.60 2.17
CA MET A 191 -4.10 -11.31 2.29
C MET A 191 -3.42 -10.49 3.39
N TYR A 192 -3.34 -9.18 3.18
CA TYR A 192 -2.88 -8.32 4.27
C TYR A 192 -3.90 -8.35 5.40
N GLY A 193 -3.42 -8.39 6.63
CA GLY A 193 -4.33 -8.44 7.76
C GLY A 193 -4.97 -9.81 7.93
N ALA A 194 -6.07 -9.81 8.67
CA ALA A 194 -6.85 -11.02 8.93
C ALA A 194 -7.97 -11.23 7.91
N PHE A 195 -7.95 -10.48 6.82
CA PHE A 195 -9.03 -10.46 5.85
C PHE A 195 -9.04 -11.71 4.99
N MET A 196 -10.24 -12.07 4.51
CA MET A 196 -10.47 -13.18 3.61
C MET A 196 -11.09 -12.67 2.32
N ASP A 197 -10.78 -13.32 1.20
CA ASP A 197 -11.34 -12.89 -0.09
C ASP A 197 -12.70 -13.54 -0.30
N LYS A 198 -13.64 -13.14 0.55
CA LYS A 198 -15.04 -13.52 0.42
C LYS A 198 -15.89 -12.29 0.65
N GLN A 199 -17.03 -12.21 -0.05
CA GLN A 199 -17.89 -11.04 0.03
C GLN A 199 -18.88 -11.20 1.18
N VAL A 200 -18.34 -11.08 2.39
CA VAL A 200 -19.11 -11.10 3.63
C VAL A 200 -18.58 -9.98 4.51
N HIS A 201 -19.41 -9.58 5.48
CA HIS A 201 -18.95 -8.62 6.47
C HIS A 201 -17.82 -9.23 7.28
N GLN A 202 -16.76 -8.47 7.48
CA GLN A 202 -15.58 -8.94 8.19
C GLN A 202 -15.17 -7.95 9.26
N VAL A 203 -14.59 -8.47 10.33
CA VAL A 203 -14.17 -7.63 11.45
C VAL A 203 -13.08 -6.69 11.00
N GLN A 204 -13.23 -5.42 11.36
CA GLN A 204 -12.25 -4.39 11.04
C GLN A 204 -11.42 -4.09 12.27
N LEU A 205 -10.12 -4.34 12.19
CA LEU A 205 -9.23 -3.97 13.28
C LEU A 205 -9.16 -2.45 13.40
N THR A 206 -8.99 -1.98 14.63
CA THR A 206 -8.90 -0.54 14.83
C THR A 206 -7.66 0.01 14.16
N ASP A 207 -7.81 1.18 13.54
CA ASP A 207 -6.66 1.87 12.97
C ASP A 207 -5.95 2.65 14.07
N LYS A 208 -4.72 3.05 13.80
CA LYS A 208 -3.92 3.82 14.74
C LYS A 208 -3.14 4.89 13.99
N TYR A 209 -2.76 5.94 14.73
CA TYR A 209 -1.80 6.90 14.23
C TYR A 209 -0.44 6.22 14.09
N CYS A 210 0.25 6.46 12.97
CA CYS A 210 1.59 5.92 12.75
CA CYS A 210 1.58 5.91 12.76
C CYS A 210 2.59 6.90 13.34
N SER A 211 3.10 6.59 14.53
CA SER A 211 3.92 7.54 15.27
C SER A 211 5.16 7.97 14.51
N VAL A 212 5.84 7.01 13.86
CA VAL A 212 7.07 7.36 13.17
C VAL A 212 6.80 8.35 12.03
N ASN A 213 5.64 8.21 11.38
CA ASN A 213 5.28 9.14 10.31
C ASN A 213 4.88 10.50 10.87
N VAL A 214 4.23 10.53 12.03
CA VAL A 214 3.95 11.82 12.66
C VAL A 214 5.25 12.54 13.01
N VAL A 215 6.21 11.80 13.55
CA VAL A 215 7.54 12.36 13.84
C VAL A 215 8.16 12.93 12.58
N ALA A 216 8.08 12.19 11.47
CA ALA A 216 8.64 12.68 10.20
C ALA A 216 7.98 13.98 9.77
N TRP A 217 6.65 14.06 9.91
CA TRP A 217 5.91 15.25 9.54
C TRP A 217 6.32 16.45 10.40
N LEU A 218 6.53 16.22 11.69
CA LEU A 218 6.97 17.32 12.54
C LEU A 218 8.39 17.78 12.17
N TYR A 219 9.25 16.85 11.75
CA TYR A 219 10.56 17.25 11.25
C TYR A 219 10.43 18.07 9.96
N ALA A 220 9.51 17.68 9.08
CA ALA A 220 9.27 18.47 7.88
C ALA A 220 8.85 19.88 8.23
N ALA A 221 8.05 20.03 9.30
CA ALA A 221 7.64 21.34 9.75
C ALA A 221 8.84 22.18 10.19
N ILE A 222 9.73 21.57 10.97
CA ILE A 222 10.96 22.26 11.40
C ILE A 222 11.79 22.65 10.18
N LEU A 223 11.93 21.74 9.23
CA LEU A 223 12.71 22.02 8.01
C LEU A 223 12.13 23.18 7.20
N ASN A 224 10.85 23.51 7.41
CA ASN A 224 10.22 24.64 6.77
C ASN A 224 10.15 25.88 7.66
N GLY A 225 10.84 25.86 8.80
CA GLY A 225 10.88 27.00 9.69
C GLY A 225 9.73 27.09 10.68
N CYS A 226 8.95 26.03 10.84
CA CYS A 226 7.79 25.97 11.72
C CYS A 226 8.15 25.08 12.90
N ALA A 227 8.46 25.70 14.05
CA ALA A 227 8.93 24.91 15.18
C ALA A 227 8.37 25.40 16.52
N TRP A 228 7.20 26.04 16.51
CA TRP A 228 6.63 26.55 17.75
C TRP A 228 6.31 25.44 18.75
N PHE A 229 6.12 24.22 18.27
CA PHE A 229 5.77 23.07 19.09
C PHE A 229 6.99 22.41 19.73
N VAL A 230 8.20 22.87 19.42
CA VAL A 230 9.41 22.25 19.93
C VAL A 230 9.76 22.90 21.26
N LYS A 231 9.92 22.07 22.28
CA LYS A 231 10.26 22.49 23.64
C LYS A 231 11.45 21.68 24.10
N PRO A 232 12.18 22.15 25.12
CA PRO A 232 13.25 21.31 25.68
C PRO A 232 12.73 20.03 26.31
N ASN A 233 11.46 19.98 26.67
CA ASN A 233 10.90 18.77 27.29
C ASN A 233 11.03 17.58 26.35
N ARG A 234 11.30 16.41 26.93
CA ARG A 234 11.52 15.20 26.17
C ARG A 234 10.75 14.05 26.80
N THR A 235 10.22 13.17 25.95
CA THR A 235 9.62 11.91 26.37
C THR A 235 10.45 10.79 25.78
N SER A 236 10.86 9.84 26.61
CA SER A 236 11.69 8.75 26.12
C SER A 236 10.87 7.84 25.20
N VAL A 237 11.58 7.08 24.37
CA VAL A 237 10.92 6.15 23.47
C VAL A 237 10.09 5.13 24.25
N VAL A 238 10.66 4.59 25.33
CA VAL A 238 9.93 3.60 26.12
C VAL A 238 8.72 4.25 26.80
N SER A 239 8.87 5.48 27.30
CA SER A 239 7.75 6.17 27.93
C SER A 239 6.66 6.49 26.92
N PHE A 240 7.05 6.93 25.72
CA PHE A 240 6.07 7.23 24.69
C PHE A 240 5.29 5.98 24.28
N ASN A 241 6.00 4.86 24.11
CA ASN A 241 5.36 3.65 23.63
C ASN A 241 4.35 3.10 24.63
N GLU A 242 4.62 3.26 25.93
CA GLU A 242 3.59 2.95 26.93
C GLU A 242 2.39 3.87 26.76
N TRP A 243 2.65 5.16 26.55
CA TRP A 243 1.57 6.11 26.28
C TRP A 243 0.83 5.77 24.99
N ALA A 244 1.57 5.35 23.96
CA ALA A 244 0.94 5.09 22.66
C ALA A 244 -0.10 3.98 22.76
N LEU A 245 0.18 2.94 23.55
CA LEU A 245 -0.72 1.80 23.64
C LEU A 245 -2.09 2.18 24.19
N ALA A 246 -2.14 3.21 25.04
CA ALA A 246 -3.39 3.67 25.62
C ALA A 246 -4.05 4.79 24.84
N ASN A 247 -3.46 5.22 23.71
CA ASN A 247 -3.92 6.41 23.02
C ASN A 247 -3.99 6.21 21.51
N GLN A 248 -4.06 4.96 21.05
CA GLN A 248 -4.28 4.64 19.63
C GLN A 248 -3.15 5.16 18.74
N PHE A 249 -1.92 5.06 19.24
CA PHE A 249 -0.74 5.31 18.43
C PHE A 249 0.05 4.01 18.28
N THR A 250 0.71 3.85 17.14
CA THR A 250 1.70 2.78 17.02
C THR A 250 2.87 3.08 17.94
N GLU A 251 3.52 2.02 18.40
CA GLU A 251 4.77 2.20 19.14
C GLU A 251 5.85 2.70 18.19
N PHE A 252 6.63 3.67 18.65
CA PHE A 252 7.67 4.28 17.84
C PHE A 252 8.90 3.37 17.75
N VAL A 253 9.39 3.17 16.53
CA VAL A 253 10.65 2.47 16.30
C VAL A 253 11.49 3.35 15.39
N GLY A 254 12.63 3.84 15.91
CA GLY A 254 13.46 4.74 15.14
C GLY A 254 14.23 4.04 14.05
N THR A 255 14.60 4.82 13.03
CA THR A 255 15.33 4.32 11.86
C THR A 255 16.44 5.30 11.52
N GLN A 256 17.35 4.86 10.64
CA GLN A 256 18.39 5.76 10.15
C GLN A 256 17.80 6.97 9.45
N SER A 257 16.68 6.78 8.73
CA SER A 257 16.03 7.90 8.06
CA SER A 257 16.04 7.91 8.06
C SER A 257 15.56 8.95 9.07
N VAL A 258 15.01 8.51 10.20
CA VAL A 258 14.59 9.44 11.23
C VAL A 258 15.80 10.14 11.84
N ASP A 259 16.89 9.40 12.08
CA ASP A 259 18.09 9.98 12.67
C ASP A 259 18.68 11.07 11.79
N MET A 260 18.61 10.88 10.46
CA MET A 260 19.09 11.93 9.55
C MET A 260 18.33 13.23 9.77
N LEU A 261 17.01 13.14 9.97
CA LEU A 261 16.21 14.33 10.21
C LEU A 261 16.56 14.99 11.53
N ALA A 262 16.80 14.18 12.57
CA ALA A 262 17.24 14.73 13.85
C ALA A 262 18.58 15.45 13.70
N VAL A 263 19.50 14.85 12.94
CA VAL A 263 20.82 15.45 12.75
C VAL A 263 20.70 16.75 11.94
N LYS A 264 19.87 16.75 10.90
CA LYS A 264 19.72 17.94 10.06
C LYS A 264 19.11 19.10 10.84
N THR A 265 18.06 18.84 11.62
CA THR A 265 17.36 19.89 12.34
C THR A 265 17.94 20.20 13.71
N GLY A 266 18.74 19.30 14.28
CA GLY A 266 19.19 19.53 15.64
C GLY A 266 18.13 19.35 16.69
N VAL A 267 17.01 18.71 16.36
CA VAL A 267 15.93 18.46 17.31
C VAL A 267 15.88 16.96 17.59
N ALA A 268 15.98 16.60 18.86
CA ALA A 268 15.99 15.19 19.24
C ALA A 268 14.62 14.56 19.03
N ILE A 269 14.64 13.26 18.72
CA ILE A 269 13.41 12.49 18.54
C ILE A 269 12.52 12.60 19.77
N GLU A 270 13.12 12.47 20.95
CA GLU A 270 12.37 12.53 22.20
C GLU A 270 11.69 13.87 22.41
N GLN A 271 12.21 14.95 21.82
CA GLN A 271 11.51 16.24 21.88
C GLN A 271 10.20 16.19 21.11
N LEU A 272 10.20 15.52 19.95
CA LEU A 272 9.00 15.41 19.15
C LEU A 272 8.02 14.39 19.73
N LEU A 273 8.51 13.35 20.42
CA LEU A 273 7.61 12.44 21.10
C LEU A 273 6.83 13.16 22.18
N TYR A 274 7.49 14.05 22.92
CA TYR A 274 6.78 14.89 23.88
C TYR A 274 5.80 15.81 23.18
N ALA A 275 6.20 16.42 22.05
CA ALA A 275 5.31 17.32 21.34
C ALA A 275 4.06 16.58 20.86
N ILE A 276 4.22 15.34 20.40
CA ILE A 276 3.07 14.57 19.93
C ILE A 276 2.06 14.37 21.06
N GLN A 277 2.54 14.04 22.26
CA GLN A 277 1.63 13.84 23.38
C GLN A 277 0.84 15.10 23.69
N GLN A 278 1.48 16.26 23.60
CA GLN A 278 0.77 17.51 23.85
C GLN A 278 -0.15 17.87 22.70
N LEU A 279 0.33 17.71 21.45
CA LEU A 279 -0.49 18.06 20.29
C LEU A 279 -1.70 17.13 20.17
N TYR A 280 -1.57 15.88 20.63
CA TYR A 280 -2.71 14.97 20.60
C TYR A 280 -3.86 15.49 21.45
N THR A 281 -3.56 16.20 22.53
CA THR A 281 -4.60 16.79 23.35
C THR A 281 -5.22 18.01 22.71
N GLY A 282 -4.60 18.56 21.66
CA GLY A 282 -5.15 19.72 20.97
C GLY A 282 -4.10 20.69 20.46
N PHE A 283 -4.33 21.23 19.25
CA PHE A 283 -3.44 22.22 18.68
C PHE A 283 -3.67 23.62 19.26
N GLN A 284 -4.75 23.83 20.00
CA GLN A 284 -5.07 25.12 20.62
C GLN A 284 -5.14 26.24 19.57
N GLY A 285 -5.76 25.95 18.44
CA GLY A 285 -6.01 26.94 17.42
C GLY A 285 -4.84 27.23 16.51
N LYS A 286 -3.68 26.64 16.76
CA LYS A 286 -2.52 26.84 15.90
C LYS A 286 -2.48 25.76 14.81
N GLN A 287 -1.70 26.04 13.77
CA GLN A 287 -1.60 25.15 12.63
C GLN A 287 -0.14 24.72 12.45
N ILE A 288 0.04 23.49 11.98
CA ILE A 288 1.36 22.99 11.60
C ILE A 288 1.27 22.58 10.13
N LEU A 289 2.05 23.25 9.28
CA LEU A 289 2.04 23.00 7.84
C LEU A 289 0.62 22.97 7.30
N GLY A 290 -0.18 23.96 7.72
CA GLY A 290 -1.53 24.13 7.24
C GLY A 290 -2.56 23.21 7.86
N SER A 291 -2.22 22.47 8.90
CA SER A 291 -3.10 21.46 9.47
C SER A 291 -3.35 21.71 10.95
N THR A 292 -4.55 21.38 11.39
CA THR A 292 -4.90 21.41 12.80
C THR A 292 -5.01 20.01 13.40
N MET A 293 -4.53 19.00 12.69
CA MET A 293 -4.46 17.65 13.23
C MET A 293 -3.16 17.00 12.81
N LEU A 294 -2.75 16.00 13.59
CA LEU A 294 -1.52 15.27 13.30
C LEU A 294 -1.64 14.56 11.95
N GLU A 295 -0.54 14.55 11.20
CA GLU A 295 -0.48 13.96 9.87
C GLU A 295 0.46 12.76 9.93
N ASP A 296 -0.02 11.59 9.49
CA ASP A 296 0.81 10.40 9.52
C ASP A 296 0.92 9.72 8.17
N GLU A 297 0.61 10.42 7.07
CA GLU A 297 0.67 9.83 5.75
C GLU A 297 1.97 10.15 5.01
N PHE A 298 2.93 10.79 5.68
CA PHE A 298 4.24 11.06 5.10
C PHE A 298 5.31 10.33 5.92
N THR A 299 6.18 9.58 5.23
CA THR A 299 7.19 8.76 5.88
C THR A 299 8.47 9.57 6.12
N PRO A 300 9.36 9.08 6.98
CA PRO A 300 10.69 9.73 7.08
C PRO A 300 11.41 9.76 5.75
N GLU A 301 11.25 8.70 4.95
CA GLU A 301 11.86 8.65 3.63
C GLU A 301 11.28 9.73 2.71
N ASP A 302 9.97 9.96 2.77
CA ASP A 302 9.36 11.03 1.97
C ASP A 302 9.98 12.38 2.30
N VAL A 303 10.13 12.66 3.61
CA VAL A 303 10.68 13.94 4.02
C VAL A 303 12.14 14.07 3.60
N ASN A 304 12.93 13.00 3.76
CA ASN A 304 14.32 13.05 3.34
C ASN A 304 14.44 13.30 1.84
N MET A 305 13.62 12.62 1.03
CA MET A 305 13.71 12.76 -0.42
C MET A 305 13.17 14.10 -0.88
N GLN A 306 11.93 14.43 -0.50
CA GLN A 306 11.28 15.58 -1.13
C GLN A 306 11.85 16.90 -0.64
N ILE A 307 12.25 16.98 0.62
CA ILE A 307 12.75 18.22 1.18
C ILE A 307 14.28 18.29 1.15
N MET A 308 14.96 17.22 1.55
CA MET A 308 16.41 17.26 1.59
C MET A 308 17.09 16.71 0.34
N GLY A 309 16.32 16.15 -0.59
CA GLY A 309 16.95 15.56 -1.78
C GLY A 309 17.87 14.41 -1.46
N VAL A 310 17.47 13.55 -0.52
CA VAL A 310 18.32 12.47 -0.01
C VAL A 310 17.62 11.15 -0.29
N VAL A 311 18.22 10.33 -1.15
CA VAL A 311 17.66 9.03 -1.49
C VAL A 311 18.67 7.92 -1.21
C13 A1AGL B . -19.04 -2.46 0.32
C17 A1AGL B . -14.75 -10.44 -2.95
C16 A1AGL B . -14.84 -9.43 -4.09
C15 A1AGL B . -14.67 -7.97 -3.67
C11 A1AGL B . -19.80 -6.15 3.31
C12 A1AGL B . -18.69 -3.37 1.45
O1 A1AGL B . -14.84 -5.53 -2.35
N4 A1AGL B . -14.27 -1.36 -4.71
C14 A1AGL B . -19.26 -3.42 -0.86
N3 A1AGL B . -13.51 -6.60 -5.32
C9 A1AGL B . -22.22 -6.76 3.10
C7 A1AGL B . -20.57 -7.52 1.38
C8 A1AGL B . -21.84 -7.87 2.13
C10 A1AGL B . -21.08 -6.48 4.06
N2 A1AGL B . -15.69 -7.60 -2.70
N1 A1AGL B . -18.23 -4.50 0.95
C6 A1AGL B . -19.40 -7.24 2.32
C5 A1AGL B . -18.11 -6.91 1.58
C4 A1AGL B . -17.56 -5.50 1.76
C3 A1AGL B . -18.45 -4.67 -0.49
C2 A1AGL B . -17.10 -4.74 -1.18
C1 A1AGL B . -15.70 -6.36 -2.17
O3 A1AGL B . -18.75 -3.09 2.65
O4 A1AGL B . -12.16 -2.08 -4.17
C18 A1AGL B . -14.99 -11.86 -3.46
C19 A1AGL B . -13.41 -10.34 -2.24
C20 A1AGL B . -14.69 -7.04 -4.88
C21 A1AGL B . -13.39 -5.70 -6.48
C22 A1AGL B . -12.81 -4.36 -6.05
C23 A1AGL B . -13.82 -3.59 -5.18
C24 A1AGL B . -13.30 -2.28 -4.63
C25 A1AGL B . -15.53 -1.91 -5.20
C26 A1AGL B . -15.08 -3.18 -5.91
C27 A1AGL B . -12.55 -6.38 -7.54
O2 A1AGL B . -16.87 -6.12 -1.55
O5 A1AGL B . -12.47 -5.60 -8.74
O6 A1AGL B . -15.75 -6.70 -5.39
C18 A1AGK C . -14.99 -11.96 -3.49
C27 A1AGK C . -12.53 -6.36 -7.60
C26 A1AGK C . -15.17 -3.19 -5.98
C23 A1AGK C . -13.89 -3.60 -5.26
C12 A1AGK C . -18.58 -3.41 1.34
C11 A1AGK C . -19.80 -6.16 3.17
C10 A1AGK C . -21.05 -6.50 3.97
C13 A1AGK C . -18.95 -2.50 0.19
C14 A1AGK C . -19.26 -3.48 -0.95
C7 A1AGK C . -20.57 -7.66 1.33
C2 A1AGK C . -17.11 -4.78 -1.35
C21 A1AGK C . -13.42 -5.71 -6.56
C3 A1AGK C . -18.43 -4.72 -0.61
C4 A1AGK C . -17.53 -5.59 1.62
C5 A1AGK C . -18.13 -6.98 1.44
C6 A1AGK C . -19.39 -7.30 2.23
C9 A1AGK C . -22.21 -6.85 3.05
C8 A1AGK C . -21.82 -8.00 2.13
C1 A1AGK C . -15.74 -6.38 -2.42
O1 A1AGK C . -14.93 -5.53 -2.70
O3 A1AGK C . -18.57 -3.11 2.52
O4 A1AGK C . -12.23 -2.04 -4.33
C15 A1AGK C . -14.70 -8.08 -3.82
C17 A1AGK C . -14.75 -10.53 -3.02
C19 A1AGK C . -13.39 -10.40 -2.37
C20 A1AGK C . -14.71 -7.21 -5.08
C22 A1AGK C . -12.88 -4.36 -6.11
C16 A1AGK C . -14.89 -9.54 -4.19
C24 A1AGK C . -13.39 -2.28 -4.72
C25 A1AGK C . -15.65 -2.00 -5.17
N1 A1AGK C . -18.17 -4.56 0.82
N2 A1AGK C . -15.71 -7.65 -2.87
N3 A1AGK C . -13.56 -6.61 -5.42
N4 A1AGK C . -14.40 -1.43 -4.69
O2 A1AGK C . -16.86 -6.16 -1.70
O5 A1AGK C . -13.07 -7.58 -8.09
O6 A1AGK C . -15.75 -7.06 -5.74
#